data_7Y4T
#
_entry.id   7Y4T
#
_cell.length_a   65.917
_cell.length_b   65.917
_cell.length_c   190.495
_cell.angle_alpha   90.000
_cell.angle_beta   90.000
_cell.angle_gamma   90.000
#
_symmetry.space_group_name_H-M   'P 41 21 2'
#
loop_
_entity.id
_entity.type
_entity.pdbx_description
1 polymer 'Hepatocyte growth factor receptor'
2 non-polymer 2-[2-[3-(1-methylpyrazol-4-yl)quinolin-6-yl]ethyl]-6-(3-nitrophenyl)pyridazin-3-one
3 water water
#
_entity_poly.entity_id   1
_entity_poly.type   'polypeptide(L)'
_entity_poly.pdbx_seq_one_letter_code
;GDSDISSPLLQNTVHIDLSALNPELVQAVQHVVIGPSSLIVHFNEVIGRGHFGCVYHGTLLDNDGKKIHCAVKSLNRITD
IGEVSQFLTEGIIMKDFSHPNVLSLLGICLRSEGSPLVVLPYMKHGDLRNFIRNETHNPTVKDLIGFGLQVAKGMKYLAS
KKFVHRDLAARNCMLDEKFTVKVADFGLARDMYDKEYYSVHNKTGAKLPVKWMALESLQTQKFTTKSDVWSFGVLLWELM
TRGAPPYPDVNTFDITVYLLQGRRLLQPEYCPDPLYEVMLKCWHPKAEMRPSFSELVSRISAIFSTFIG
;
_entity_poly.pdbx_strand_id   A
#
# COMPACT_ATOMS: atom_id res chain seq x y z
N VAL A 26 0.38 -20.80 21.39
CA VAL A 26 -0.72 -19.88 21.18
C VAL A 26 -1.09 -19.85 19.71
N GLN A 27 -2.38 -20.04 19.41
CA GLN A 27 -2.86 -20.11 18.03
C GLN A 27 -4.21 -19.40 17.94
N ALA A 28 -4.17 -18.07 17.97
CA ALA A 28 -5.33 -17.28 17.55
C ALA A 28 -5.50 -17.29 16.04
N VAL A 29 -4.48 -17.75 15.31
CA VAL A 29 -4.60 -17.95 13.88
C VAL A 29 -5.60 -19.06 13.54
N GLN A 30 -5.94 -19.89 14.52
CA GLN A 30 -6.86 -20.99 14.29
C GLN A 30 -8.26 -20.50 13.92
N HIS A 31 -8.57 -19.23 14.16
CA HIS A 31 -9.85 -18.66 13.78
C HIS A 31 -9.90 -18.23 12.33
N VAL A 32 -8.77 -18.17 11.64
CA VAL A 32 -8.72 -17.78 10.24
C VAL A 32 -8.05 -18.86 9.38
N VAL A 33 -7.95 -20.07 9.89
CA VAL A 33 -7.27 -21.15 9.17
C VAL A 33 -8.17 -21.68 8.07
N ILE A 34 -7.60 -21.85 6.87
CA ILE A 34 -8.31 -22.43 5.74
C ILE A 34 -7.82 -23.87 5.56
N GLY A 35 -8.77 -24.80 5.48
CA GLY A 35 -8.44 -26.20 5.28
C GLY A 35 -7.79 -26.43 3.93
N PRO A 36 -6.77 -27.29 3.90
CA PRO A 36 -6.07 -27.56 2.62
C PRO A 36 -7.00 -28.02 1.51
N SER A 37 -7.96 -28.90 1.83
CA SER A 37 -8.91 -29.37 0.82
C SER A 37 -9.88 -28.29 0.37
N SER A 38 -9.85 -27.11 0.98
CA SER A 38 -10.71 -25.99 0.60
C SER A 38 -10.01 -24.96 -0.27
N LEU A 39 -8.73 -25.19 -0.61
CA LEU A 39 -7.97 -24.22 -1.37
C LEU A 39 -7.11 -24.91 -2.41
N ILE A 40 -7.24 -24.47 -3.66
CA ILE A 40 -6.37 -24.89 -4.76
C ILE A 40 -5.49 -23.71 -5.14
N VAL A 41 -4.18 -23.93 -5.14
CA VAL A 41 -3.21 -22.91 -5.55
C VAL A 41 -2.76 -23.24 -6.96
N HIS A 42 -3.06 -22.36 -7.91
CA HIS A 42 -2.65 -22.53 -9.30
C HIS A 42 -1.19 -22.08 -9.42
N PHE A 43 -0.29 -23.01 -9.10
CA PHE A 43 1.14 -22.71 -9.10
C PHE A 43 1.66 -22.33 -10.48
N ASN A 44 0.97 -22.74 -11.54
CA ASN A 44 1.38 -22.43 -12.90
C ASN A 44 1.03 -21.00 -13.32
N GLU A 45 0.52 -20.18 -12.40
CA GLU A 45 0.06 -18.83 -12.73
C GLU A 45 0.55 -17.88 -11.63
N VAL A 46 1.63 -17.15 -11.92
CA VAL A 46 2.23 -16.22 -10.96
C VAL A 46 1.74 -14.82 -11.27
N ILE A 47 1.21 -14.14 -10.25
CA ILE A 47 0.67 -12.79 -10.40
C ILE A 47 1.40 -11.79 -9.50
N GLY A 48 2.59 -12.13 -9.04
CA GLY A 48 3.34 -11.27 -8.16
C GLY A 48 4.60 -11.93 -7.64
N ARG A 49 5.59 -11.12 -7.27
CA ARG A 49 6.87 -11.64 -6.78
C ARG A 49 7.34 -10.72 -5.65
N GLY A 50 7.14 -11.17 -4.42
CA GLY A 50 7.67 -10.49 -3.27
C GLY A 50 8.98 -11.12 -2.83
N HIS A 51 9.73 -10.38 -2.01
CA HIS A 51 10.95 -10.93 -1.44
C HIS A 51 10.67 -12.16 -0.59
N PHE A 52 9.51 -12.19 0.07
CA PHE A 52 9.14 -13.31 0.92
C PHE A 52 8.53 -14.48 0.15
N GLY A 53 8.19 -14.29 -1.12
CA GLY A 53 7.61 -15.36 -1.91
C GLY A 53 6.73 -14.82 -3.00
N CYS A 54 6.31 -15.73 -3.88
CA CYS A 54 5.50 -15.38 -5.03
C CYS A 54 4.03 -15.24 -4.64
N VAL A 55 3.25 -14.68 -5.57
CA VAL A 55 1.79 -14.61 -5.46
C VAL A 55 1.20 -15.41 -6.61
N TYR A 56 0.21 -16.25 -6.29
CA TYR A 56 -0.38 -17.15 -7.27
C TYR A 56 -1.87 -16.93 -7.38
N HIS A 57 -2.41 -17.26 -8.55
CA HIS A 57 -3.86 -17.43 -8.69
C HIS A 57 -4.32 -18.56 -7.78
N GLY A 58 -5.52 -18.42 -7.23
CA GLY A 58 -6.04 -19.43 -6.32
C GLY A 58 -7.54 -19.55 -6.43
N THR A 59 -8.03 -20.72 -6.01
CA THR A 59 -9.46 -21.00 -5.92
C THR A 59 -9.78 -21.39 -4.49
N LEU A 60 -10.70 -20.66 -3.87
CA LEU A 60 -11.05 -20.86 -2.46
C LEU A 60 -12.50 -21.33 -2.34
N LEU A 61 -12.74 -22.34 -1.51
CA LEU A 61 -14.08 -22.78 -1.25
C LEU A 61 -14.56 -22.01 -0.04
N ASP A 62 -15.63 -21.24 -0.20
CA ASP A 62 -16.13 -20.42 0.87
C ASP A 62 -16.79 -21.14 2.01
N ASN A 63 -17.28 -20.37 2.96
CA ASN A 63 -17.97 -20.96 4.09
C ASN A 63 -19.12 -21.68 3.45
N ASP A 64 -19.93 -20.92 2.72
CA ASP A 64 -21.17 -21.45 2.20
C ASP A 64 -21.17 -22.21 0.89
N GLY A 65 -20.00 -22.44 0.34
CA GLY A 65 -19.77 -23.48 -0.64
C GLY A 65 -19.61 -22.84 -1.99
N LYS A 66 -19.28 -21.56 -1.99
CA LYS A 66 -19.06 -20.88 -3.26
C LYS A 66 -17.58 -20.82 -3.64
N LYS A 67 -17.31 -20.94 -4.93
CA LYS A 67 -15.96 -20.85 -5.41
C LYS A 67 -15.68 -19.42 -5.74
N ILE A 68 -14.67 -18.86 -5.11
CA ILE A 68 -14.27 -17.47 -5.31
C ILE A 68 -12.85 -17.44 -5.83
N HIS A 69 -12.60 -16.53 -6.77
CA HIS A 69 -11.23 -16.26 -7.20
C HIS A 69 -10.47 -15.57 -6.07
N CYS A 70 -9.22 -15.98 -5.87
CA CYS A 70 -8.41 -15.41 -4.80
C CYS A 70 -6.95 -15.41 -5.22
N ALA A 71 -6.14 -14.67 -4.45
CA ALA A 71 -4.71 -14.59 -4.65
C ALA A 71 -4.01 -15.19 -3.44
N VAL A 72 -3.01 -16.04 -3.69
CA VAL A 72 -2.30 -16.76 -2.63
C VAL A 72 -0.88 -16.23 -2.58
N LYS A 73 -0.49 -15.69 -1.43
CA LYS A 73 0.86 -15.20 -1.21
C LYS A 73 1.61 -16.19 -0.35
N SER A 74 2.72 -16.72 -0.87
CA SER A 74 3.55 -17.65 -0.12
C SER A 74 4.63 -16.89 0.64
N LEU A 75 5.01 -17.43 1.79
CA LEU A 75 6.07 -16.86 2.62
C LEU A 75 7.21 -17.85 2.80
N ASN A 76 7.39 -18.76 1.84
CA ASN A 76 8.40 -19.81 1.97
C ASN A 76 9.82 -19.29 1.86
N ARG A 77 10.03 -18.04 1.48
CA ARG A 77 11.37 -17.50 1.37
C ARG A 77 11.97 -17.14 2.72
N ILE A 78 11.16 -17.02 3.75
CA ILE A 78 11.66 -16.81 5.11
C ILE A 78 11.61 -18.16 5.82
N THR A 79 12.80 -18.63 6.23
CA THR A 79 13.00 -20.01 6.67
C THR A 79 13.57 -19.98 8.09
N ASP A 80 12.69 -19.75 9.05
CA ASP A 80 13.05 -19.74 10.47
C ASP A 80 11.78 -19.72 11.31
N ILE A 81 11.63 -20.70 12.21
CA ILE A 81 10.42 -20.80 13.01
C ILE A 81 10.19 -19.54 13.84
N GLY A 82 11.27 -18.91 14.30
CA GLY A 82 11.11 -17.67 15.06
C GLY A 82 10.70 -16.51 14.17
N GLU A 83 11.38 -16.33 13.04
CA GLU A 83 11.04 -15.25 12.13
C GLU A 83 9.72 -15.50 11.40
N VAL A 84 9.30 -16.76 11.26
CA VAL A 84 7.96 -17.03 10.75
C VAL A 84 6.92 -16.54 11.74
N SER A 85 7.02 -17.02 12.98
CA SER A 85 5.99 -16.75 13.97
C SER A 85 5.90 -15.28 14.33
N GLN A 86 7.03 -14.57 14.31
CA GLN A 86 7.00 -13.15 14.58
C GLN A 86 6.27 -12.40 13.48
N PHE A 87 6.43 -12.84 12.23
CA PHE A 87 5.71 -12.21 11.11
C PHE A 87 4.21 -12.47 11.22
N LEU A 88 3.81 -13.64 11.73
CA LEU A 88 2.40 -13.98 11.79
C LEU A 88 1.68 -13.17 12.87
N THR A 89 2.22 -13.13 14.08
CA THR A 89 1.57 -12.39 15.16
C THR A 89 1.59 -10.88 14.90
N GLU A 90 2.59 -10.39 14.17
CA GLU A 90 2.61 -8.97 13.82
C GLU A 90 1.58 -8.65 12.75
N GLY A 91 1.24 -9.62 11.91
CA GLY A 91 0.33 -9.39 10.81
C GLY A 91 -1.07 -9.95 10.99
N ILE A 92 -1.25 -10.81 11.99
CA ILE A 92 -2.57 -11.40 12.24
C ILE A 92 -3.59 -10.35 12.65
N ILE A 93 -3.13 -9.16 13.05
CA ILE A 93 -4.04 -8.10 13.46
C ILE A 93 -4.92 -7.64 12.30
N MET A 94 -4.46 -7.84 11.07
CA MET A 94 -5.25 -7.41 9.91
C MET A 94 -6.57 -8.16 9.78
N LYS A 95 -6.71 -9.30 10.47
CA LYS A 95 -8.01 -9.97 10.48
C LYS A 95 -9.07 -9.14 11.19
N ASP A 96 -8.66 -8.33 12.16
CA ASP A 96 -9.59 -7.49 12.89
C ASP A 96 -9.97 -6.21 12.16
N PHE A 97 -9.23 -5.86 11.10
CA PHE A 97 -9.55 -4.68 10.31
C PHE A 97 -10.66 -4.99 9.33
N SER A 98 -11.53 -4.00 9.11
CA SER A 98 -12.63 -4.15 8.16
C SER A 98 -13.01 -2.77 7.65
N HIS A 99 -12.64 -2.47 6.40
CA HIS A 99 -12.95 -1.20 5.78
C HIS A 99 -12.94 -1.39 4.28
N PRO A 100 -13.86 -0.75 3.54
CA PRO A 100 -13.92 -1.00 2.08
C PRO A 100 -12.67 -0.60 1.34
N ASN A 101 -11.85 0.31 1.88
CA ASN A 101 -10.62 0.73 1.23
C ASN A 101 -9.38 0.15 1.91
N VAL A 102 -9.54 -0.96 2.61
CA VAL A 102 -8.43 -1.66 3.28
C VAL A 102 -8.49 -3.12 2.85
N LEU A 103 -7.37 -3.64 2.36
CA LEU A 103 -7.33 -5.02 1.90
C LEU A 103 -7.57 -5.97 3.07
N SER A 104 -8.45 -6.94 2.86
CA SER A 104 -8.85 -7.88 3.91
C SER A 104 -8.03 -9.17 3.80
N LEU A 105 -8.12 -9.97 4.86
CA LEU A 105 -7.46 -11.27 4.94
C LEU A 105 -8.51 -12.36 4.87
N LEU A 106 -8.47 -13.16 3.81
CA LEU A 106 -9.42 -14.27 3.69
C LEU A 106 -9.05 -15.43 4.60
N GLY A 107 -7.77 -15.59 4.88
CA GLY A 107 -7.32 -16.66 5.77
C GLY A 107 -5.90 -17.04 5.46
N ILE A 108 -5.38 -17.97 6.25
CA ILE A 108 -4.05 -18.52 6.05
C ILE A 108 -4.15 -20.03 6.02
N CYS A 109 -3.22 -20.66 5.28
CA CYS A 109 -3.20 -22.11 5.10
C CYS A 109 -1.91 -22.66 5.64
N LEU A 110 -1.98 -23.87 6.21
CA LEU A 110 -0.83 -24.51 6.84
C LEU A 110 -0.56 -25.86 6.19
N ARG A 111 0.72 -26.16 6.00
CA ARG A 111 1.13 -27.42 5.39
C ARG A 111 2.58 -27.75 5.75
N GLY A 114 3.55 -24.48 0.01
CA GLY A 114 2.68 -24.84 1.12
C GLY A 114 3.02 -24.12 2.40
N SER A 115 4.27 -23.68 2.54
CA SER A 115 4.71 -23.02 3.77
C SER A 115 3.87 -21.81 3.95
N PRO A 116 3.36 -21.58 5.16
CA PRO A 116 2.42 -20.51 5.43
C PRO A 116 1.93 -19.69 4.25
N LEU A 117 0.82 -20.10 3.67
CA LEU A 117 0.25 -19.37 2.58
C LEU A 117 -0.71 -18.36 3.14
N VAL A 118 -0.81 -17.19 2.51
CA VAL A 118 -1.64 -16.13 3.06
C VAL A 118 -2.62 -15.95 1.91
N VAL A 119 -3.91 -16.14 2.18
CA VAL A 119 -4.95 -16.09 1.16
C VAL A 119 -5.59 -14.71 1.20
N LEU A 120 -5.57 -14.01 0.07
CA LEU A 120 -6.10 -12.67 -0.05
C LEU A 120 -7.10 -12.59 -1.19
N PRO A 121 -8.02 -11.62 -1.14
CA PRO A 121 -8.97 -11.46 -2.24
C PRO A 121 -8.25 -11.03 -3.52
N TYR A 122 -8.77 -11.52 -4.65
CA TYR A 122 -8.17 -11.21 -5.94
C TYR A 122 -8.60 -9.82 -6.39
N MET A 123 -7.63 -9.04 -6.87
CA MET A 123 -7.85 -7.68 -7.31
C MET A 123 -7.75 -7.65 -8.83
N LYS A 124 -8.88 -7.40 -9.49
CA LYS A 124 -8.97 -7.57 -10.94
C LYS A 124 -7.91 -6.74 -11.68
N HIS A 125 -7.69 -5.50 -11.24
CA HIS A 125 -6.82 -4.58 -11.96
C HIS A 125 -5.44 -4.44 -11.32
N GLY A 126 -5.08 -5.34 -10.41
CA GLY A 126 -3.72 -5.35 -9.88
C GLY A 126 -3.44 -4.15 -8.99
N ASP A 127 -2.18 -3.74 -8.97
CA ASP A 127 -1.76 -2.61 -8.15
C ASP A 127 -2.10 -1.29 -8.85
N LEU A 128 -2.30 -0.25 -8.04
CA LEU A 128 -2.84 1.00 -8.54
C LEU A 128 -1.90 1.65 -9.54
N ARG A 129 -0.59 1.60 -9.29
CA ARG A 129 0.35 2.29 -10.18
C ARG A 129 0.39 1.65 -11.56
N ASN A 130 0.36 0.32 -11.62
CA ASN A 130 0.39 -0.35 -12.91
C ASN A 130 -0.88 -0.09 -13.72
N PHE A 131 -2.01 0.06 -13.03
CA PHE A 131 -3.26 0.34 -13.75
C PHE A 131 -3.22 1.70 -14.42
N ILE A 132 -2.77 2.73 -13.68
CA ILE A 132 -2.75 4.07 -14.26
C ILE A 132 -1.63 4.26 -15.27
N ARG A 133 -0.57 3.44 -15.21
CA ARG A 133 0.52 3.54 -16.19
C ARG A 133 0.18 2.89 -17.51
N ASN A 134 -0.79 1.99 -17.54
CA ASN A 134 -1.16 1.30 -18.77
C ASN A 134 -1.86 2.27 -19.72
N GLU A 135 -1.32 2.42 -20.93
CA GLU A 135 -1.89 3.38 -21.88
C GLU A 135 -3.28 2.96 -22.33
N THR A 136 -3.52 1.65 -22.49
CA THR A 136 -4.81 1.16 -22.94
C THR A 136 -5.94 1.48 -21.97
N HIS A 137 -5.63 2.00 -20.78
CA HIS A 137 -6.63 2.44 -19.83
C HIS A 137 -6.82 3.95 -19.97
N ASN A 138 -8.06 4.40 -19.76
CA ASN A 138 -8.43 5.81 -19.94
C ASN A 138 -9.08 6.36 -18.67
N PRO A 139 -8.31 6.48 -17.58
CA PRO A 139 -8.87 7.10 -16.37
C PRO A 139 -8.94 8.61 -16.53
N THR A 140 -10.08 9.19 -16.16
CA THR A 140 -10.23 10.63 -16.23
C THR A 140 -9.55 11.29 -15.04
N VAL A 141 -9.43 12.62 -15.11
CA VAL A 141 -8.89 13.37 -13.98
C VAL A 141 -9.73 13.15 -12.73
N LYS A 142 -11.05 13.02 -12.91
CA LYS A 142 -11.93 12.78 -11.77
C LYS A 142 -11.76 11.36 -11.22
N ASP A 143 -11.55 10.38 -12.11
CA ASP A 143 -11.24 9.03 -11.66
C ASP A 143 -10.02 9.03 -10.75
N LEU A 144 -8.95 9.71 -11.16
CA LEU A 144 -7.71 9.69 -10.40
C LEU A 144 -7.87 10.36 -9.05
N ILE A 145 -8.59 11.49 -9.00
CA ILE A 145 -8.85 12.14 -7.72
C ILE A 145 -9.69 11.23 -6.82
N GLY A 146 -10.64 10.50 -7.43
CA GLY A 146 -11.42 9.55 -6.65
C GLY A 146 -10.58 8.43 -6.07
N PHE A 147 -9.58 7.97 -6.83
CA PHE A 147 -8.66 6.97 -6.31
C PHE A 147 -7.93 7.47 -5.07
N GLY A 148 -7.42 8.71 -5.14
CA GLY A 148 -6.72 9.28 -3.99
C GLY A 148 -7.64 9.49 -2.81
N LEU A 149 -8.90 9.85 -3.06
CA LEU A 149 -9.87 9.96 -1.98
C LEU A 149 -10.09 8.62 -1.30
N GLN A 150 -10.14 7.55 -2.08
CA GLN A 150 -10.32 6.22 -1.50
C GLN A 150 -9.13 5.82 -0.65
N VAL A 151 -7.91 6.13 -1.10
CA VAL A 151 -6.72 5.84 -0.29
C VAL A 151 -6.77 6.64 1.01
N ALA A 152 -7.20 7.89 0.94
CA ALA A 152 -7.31 8.71 2.15
C ALA A 152 -8.30 8.11 3.13
N LYS A 153 -9.42 7.58 2.63
CA LYS A 153 -10.42 6.98 3.51
C LYS A 153 -9.88 5.71 4.17
N GLY A 154 -9.17 4.88 3.40
CA GLY A 154 -8.59 3.69 3.99
C GLY A 154 -7.50 4.00 5.00
N MET A 155 -6.73 5.06 4.75
CA MET A 155 -5.69 5.45 5.69
C MET A 155 -6.29 6.11 6.93
N LYS A 156 -7.39 6.86 6.77
CA LYS A 156 -8.05 7.43 7.93
C LYS A 156 -8.55 6.34 8.87
N TYR A 157 -9.04 5.23 8.31
CA TYR A 157 -9.45 4.09 9.13
C TYR A 157 -8.26 3.49 9.87
N LEU A 158 -7.15 3.28 9.15
CA LEU A 158 -5.97 2.69 9.78
C LEU A 158 -5.41 3.60 10.86
N ALA A 159 -5.37 4.91 10.61
CA ALA A 159 -4.92 5.86 11.62
C ALA A 159 -5.84 5.85 12.83
N SER A 160 -7.14 5.61 12.63
CA SER A 160 -8.06 5.52 13.75
C SER A 160 -7.75 4.31 14.62
N LYS A 161 -7.31 3.22 14.02
CA LYS A 161 -6.88 2.04 14.76
C LYS A 161 -5.45 2.15 15.25
N LYS A 162 -4.82 3.32 15.10
CA LYS A 162 -3.44 3.57 15.53
C LYS A 162 -2.46 2.64 14.82
N PHE A 163 -2.72 2.38 13.54
CA PHE A 163 -1.85 1.55 12.72
C PHE A 163 -1.06 2.43 11.76
N VAL A 164 0.26 2.33 11.81
CA VAL A 164 1.15 3.10 10.95
C VAL A 164 1.57 2.20 9.78
N HIS A 165 1.36 2.68 8.55
CA HIS A 165 1.59 1.84 7.39
C HIS A 165 3.08 1.74 7.05
N ARG A 166 3.78 2.89 7.03
CA ARG A 166 5.22 3.04 6.81
C ARG A 166 5.67 2.72 5.39
N ASP A 167 4.79 2.31 4.49
CA ASP A 167 5.18 2.02 3.11
C ASP A 167 4.02 2.33 2.17
N LEU A 168 3.45 3.52 2.31
CA LEU A 168 2.34 3.93 1.45
C LEU A 168 2.87 4.42 0.11
N ALA A 169 2.33 3.86 -0.97
CA ALA A 169 2.73 4.21 -2.32
C ALA A 169 1.69 3.65 -3.28
N ALA A 170 1.68 4.19 -4.51
CA ALA A 170 0.72 3.74 -5.50
C ALA A 170 0.91 2.26 -5.83
N ARG A 171 2.17 1.81 -5.86
CA ARG A 171 2.46 0.41 -6.14
C ARG A 171 1.91 -0.52 -5.07
N ASN A 172 1.58 0.01 -3.88
CA ASN A 172 1.16 -0.81 -2.76
C ASN A 172 -0.33 -0.71 -2.48
N CYS A 173 -1.11 -0.12 -3.38
CA CYS A 173 -2.55 -0.10 -3.31
C CYS A 173 -3.13 -0.90 -4.47
N MET A 174 -4.23 -1.60 -4.21
CA MET A 174 -4.84 -2.47 -5.20
C MET A 174 -6.16 -1.89 -5.71
N LEU A 175 -6.59 -2.37 -6.87
CA LEU A 175 -7.80 -1.90 -7.52
C LEU A 175 -8.60 -3.11 -7.98
N ASP A 176 -9.79 -3.30 -7.43
CA ASP A 176 -10.57 -4.50 -7.70
C ASP A 176 -11.55 -4.27 -8.85
N GLU A 177 -12.53 -5.16 -8.99
CA GLU A 177 -13.40 -5.13 -10.16
C GLU A 177 -14.30 -3.89 -10.16
N LYS A 178 -14.77 -3.47 -8.98
CA LYS A 178 -15.68 -2.35 -8.87
C LYS A 178 -14.98 -1.00 -8.74
N PHE A 179 -13.74 -0.91 -9.23
CA PHE A 179 -12.94 0.31 -9.16
C PHE A 179 -12.75 0.78 -7.72
N THR A 180 -12.72 -0.17 -6.78
CA THR A 180 -12.51 0.14 -5.37
C THR A 180 -11.04 -0.05 -5.03
N VAL A 181 -10.43 0.99 -4.47
CA VAL A 181 -9.01 0.96 -4.12
C VAL A 181 -8.87 0.35 -2.73
N LYS A 182 -7.95 -0.59 -2.60
CA LYS A 182 -7.65 -1.24 -1.33
C LYS A 182 -6.22 -0.89 -0.92
N VAL A 183 -6.06 -0.19 0.19
CA VAL A 183 -4.74 -0.02 0.77
C VAL A 183 -4.21 -1.39 1.15
N ALA A 184 -3.07 -1.77 0.58
CA ALA A 184 -2.53 -3.10 0.80
C ALA A 184 -1.10 -3.02 1.34
N ASP A 185 -0.34 -4.10 1.16
CA ASP A 185 1.06 -4.16 1.59
C ASP A 185 1.20 -3.83 3.08
N PHE A 186 0.45 -4.57 3.90
CA PHE A 186 0.53 -4.42 5.34
C PHE A 186 0.12 -5.73 6.01
N GLY A 187 0.56 -5.89 7.26
CA GLY A 187 0.26 -7.12 7.96
C GLY A 187 0.91 -8.30 7.29
N LEU A 188 0.13 -9.36 7.07
CA LEU A 188 0.62 -10.54 6.38
C LEU A 188 0.87 -10.29 4.90
N ALA A 189 0.35 -9.20 4.34
CA ALA A 189 0.58 -8.83 2.96
C ALA A 189 1.80 -7.95 2.77
N ARG A 190 2.51 -7.61 3.85
CA ARG A 190 3.67 -6.74 3.76
C ARG A 190 4.82 -7.45 3.06
N ASP A 191 5.37 -6.80 2.03
CA ASP A 191 6.50 -7.34 1.28
C ASP A 191 7.03 -6.26 0.35
N MET A 192 8.18 -6.54 -0.25
CA MET A 192 8.75 -5.70 -1.31
C MET A 192 8.36 -6.31 -2.65
N TYR A 193 7.45 -5.65 -3.37
CA TYR A 193 7.03 -6.12 -4.68
C TYR A 193 7.72 -5.37 -5.82
N ASP A 194 8.46 -4.31 -5.53
CA ASP A 194 9.25 -3.59 -6.53
C ASP A 194 10.57 -3.18 -5.86
N LYS A 195 11.62 -3.97 -6.08
CA LYS A 195 12.88 -3.78 -5.39
C LYS A 195 13.59 -2.49 -5.78
N GLU A 196 13.20 -1.86 -6.90
CA GLU A 196 13.95 -0.74 -7.44
C GLU A 196 13.96 0.46 -6.49
N TYR A 197 12.88 0.68 -5.74
CA TYR A 197 12.70 1.90 -4.97
C TYR A 197 13.06 1.75 -3.50
N TYR A 198 13.67 0.63 -3.11
CA TYR A 198 13.95 0.37 -1.70
C TYR A 198 15.45 0.31 -1.46
N SER A 199 15.87 0.86 -0.32
CA SER A 199 17.21 0.67 0.19
C SER A 199 17.15 -0.17 1.47
N VAL A 200 18.11 -1.07 1.63
CA VAL A 200 18.17 -1.94 2.79
C VAL A 200 19.22 -1.37 3.74
N HIS A 201 18.75 -0.86 4.88
CA HIS A 201 19.67 -0.45 5.94
C HIS A 201 20.56 -1.63 6.32
N ASN A 202 21.85 -1.39 6.47
CA ASN A 202 22.78 -2.49 6.67
C ASN A 202 22.99 -2.86 8.13
N LYS A 203 22.40 -2.12 9.07
CA LYS A 203 22.42 -2.53 10.46
C LYS A 203 21.08 -3.16 10.83
N THR A 204 20.03 -2.35 10.94
CA THR A 204 18.69 -2.90 11.06
C THR A 204 18.31 -3.60 9.76
N GLY A 205 17.24 -4.37 9.81
CA GLY A 205 16.79 -4.97 8.56
C GLY A 205 15.96 -4.06 7.69
N ALA A 206 15.81 -2.80 8.07
CA ALA A 206 14.77 -1.93 7.52
C ALA A 206 14.88 -1.79 6.00
N LYS A 207 13.75 -1.99 5.33
CA LYS A 207 13.61 -1.71 3.91
C LYS A 207 13.00 -0.33 3.76
N LEU A 208 13.75 0.58 3.13
CA LEU A 208 13.40 2.01 3.15
C LEU A 208 13.02 2.48 1.76
N PRO A 209 11.76 2.86 1.53
CA PRO A 209 11.38 3.44 0.23
C PRO A 209 11.74 4.92 0.18
N VAL A 210 12.96 5.21 -0.28
CA VAL A 210 13.60 6.51 -0.03
C VAL A 210 12.70 7.66 -0.49
N LYS A 211 12.25 7.61 -1.75
CA LYS A 211 11.59 8.75 -2.35
C LYS A 211 10.13 8.90 -1.95
N TRP A 212 9.63 8.04 -1.06
CA TRP A 212 8.31 8.20 -0.47
C TRP A 212 8.34 8.59 1.00
N MET A 213 9.53 8.62 1.62
CA MET A 213 9.65 8.79 3.06
C MET A 213 9.65 10.27 3.44
N ALA A 214 9.07 10.56 4.61
CA ALA A 214 9.14 11.91 5.14
C ALA A 214 10.58 12.29 5.45
N LEU A 215 10.86 13.59 5.45
CA LEU A 215 12.22 14.07 5.67
C LEU A 215 12.74 13.60 7.02
N GLU A 216 11.91 13.65 8.06
CA GLU A 216 12.33 13.17 9.37
C GLU A 216 12.48 11.66 9.42
N SER A 217 11.86 10.94 8.49
CA SER A 217 12.04 9.49 8.43
C SER A 217 13.38 9.13 7.79
N LEU A 218 13.82 9.91 6.81
CA LEU A 218 15.15 9.70 6.24
C LEU A 218 16.24 9.96 7.26
N GLN A 219 15.98 10.86 8.22
CA GLN A 219 16.98 11.24 9.22
C GLN A 219 17.01 10.31 10.43
N THR A 220 15.85 9.82 10.87
CA THR A 220 15.76 9.03 12.09
C THR A 220 15.28 7.60 11.88
N GLN A 221 14.78 7.25 10.70
CA GLN A 221 14.23 5.93 10.39
C GLN A 221 13.05 5.57 11.29
N LYS A 222 12.36 6.57 11.84
CA LYS A 222 11.14 6.36 12.60
C LYS A 222 9.94 6.78 11.75
N PHE A 223 8.82 6.10 11.96
CA PHE A 223 7.63 6.28 11.16
C PHE A 223 6.42 6.53 12.03
N THR A 224 5.58 7.47 11.62
CA THR A 224 4.35 7.81 12.32
C THR A 224 3.22 7.94 11.31
N THR A 225 2.01 8.14 11.83
CA THR A 225 0.90 8.49 10.96
C THR A 225 1.17 9.78 10.20
N LYS A 226 1.91 10.71 10.82
CA LYS A 226 2.26 11.95 10.13
C LYS A 226 3.23 11.70 8.98
N SER A 227 4.13 10.72 9.11
CA SER A 227 4.97 10.36 8.00
C SER A 227 4.20 9.58 6.93
N ASP A 228 3.14 8.88 7.34
CA ASP A 228 2.22 8.31 6.36
C ASP A 228 1.55 9.41 5.55
N VAL A 229 1.25 10.54 6.18
CA VAL A 229 0.64 11.67 5.47
C VAL A 229 1.58 12.17 4.39
N TRP A 230 2.88 12.26 4.69
CA TRP A 230 3.86 12.65 3.69
C TRP A 230 3.84 11.69 2.50
N SER A 231 3.89 10.39 2.78
CA SER A 231 3.89 9.41 1.69
C SER A 231 2.59 9.48 0.89
N PHE A 232 1.47 9.75 1.56
CA PHE A 232 0.20 9.92 0.85
C PHE A 232 0.28 11.07 -0.15
N GLY A 233 0.96 12.14 0.21
CA GLY A 233 1.15 13.22 -0.72
C GLY A 233 1.86 12.79 -1.97
N VAL A 234 2.89 11.98 -1.82
CA VAL A 234 3.59 11.46 -2.99
C VAL A 234 2.68 10.56 -3.81
N LEU A 235 1.85 9.78 -3.17
CA LEU A 235 0.91 8.94 -3.88
C LEU A 235 -0.06 9.80 -4.68
N LEU A 236 -0.56 10.88 -4.06
CA LEU A 236 -1.40 11.78 -4.83
C LEU A 236 -0.69 12.30 -6.07
N TRP A 237 0.58 12.67 -5.91
CA TRP A 237 1.36 13.14 -7.06
C TRP A 237 1.52 12.04 -8.09
N GLU A 238 1.69 10.79 -7.64
CA GLU A 238 1.76 9.66 -8.56
C GLU A 238 0.47 9.55 -9.39
N LEU A 239 -0.68 9.74 -8.74
CA LEU A 239 -1.96 9.60 -9.43
C LEU A 239 -2.11 10.66 -10.52
N MET A 240 -1.79 11.91 -10.19
CA MET A 240 -2.01 13.00 -11.14
C MET A 240 -1.03 12.96 -12.31
N THR A 241 0.09 12.25 -12.18
CA THR A 241 1.01 12.03 -13.27
C THR A 241 0.80 10.68 -13.94
N ARG A 242 -0.15 9.89 -13.45
CA ARG A 242 -0.44 8.55 -13.97
C ARG A 242 0.79 7.65 -13.89
N GLY A 243 1.46 7.69 -12.74
CA GLY A 243 2.51 6.73 -12.44
C GLY A 243 3.91 7.16 -12.79
N ALA A 244 4.17 8.46 -12.91
CA ALA A 244 5.54 8.91 -13.15
C ALA A 244 6.39 8.66 -11.91
N PRO A 245 7.67 8.35 -12.08
CA PRO A 245 8.54 8.12 -10.93
C PRO A 245 8.92 9.43 -10.26
N PRO A 246 8.81 9.52 -8.93
CA PRO A 246 9.08 10.79 -8.25
C PRO A 246 10.57 11.12 -8.23
N TYR A 247 10.86 12.42 -8.29
CA TYR A 247 12.21 12.98 -8.32
C TYR A 247 13.12 12.19 -9.28
N PRO A 248 12.82 12.20 -10.59
CA PRO A 248 13.63 11.39 -11.51
C PRO A 248 15.06 11.87 -11.66
N ASP A 249 15.35 13.13 -11.35
CA ASP A 249 16.69 13.69 -11.52
C ASP A 249 17.38 13.97 -10.18
N VAL A 250 16.93 13.34 -9.10
CA VAL A 250 17.52 13.50 -7.79
C VAL A 250 17.94 12.11 -7.31
N ASN A 251 19.24 11.89 -7.17
CA ASN A 251 19.70 10.59 -6.71
C ASN A 251 19.39 10.41 -5.22
N THR A 252 19.47 9.15 -4.78
CA THR A 252 19.02 8.80 -3.44
C THR A 252 19.87 9.40 -2.33
N PHE A 253 21.06 9.93 -2.62
CA PHE A 253 21.83 10.61 -1.59
C PHE A 253 21.43 12.08 -1.45
N ASP A 254 21.23 12.77 -2.57
CA ASP A 254 20.91 14.19 -2.57
C ASP A 254 19.47 14.48 -2.16
N ILE A 255 18.64 13.46 -1.96
CA ILE A 255 17.22 13.68 -1.70
C ILE A 255 17.02 14.40 -0.37
N THR A 256 17.87 14.14 0.62
CA THR A 256 17.68 14.75 1.94
C THR A 256 17.98 16.24 1.91
N VAL A 257 19.05 16.64 1.23
CA VAL A 257 19.36 18.07 1.10
C VAL A 257 18.35 18.75 0.18
N TYR A 258 17.95 18.07 -0.89
CA TYR A 258 16.91 18.58 -1.78
C TYR A 258 15.67 18.98 -0.98
N LEU A 259 15.23 18.11 -0.06
CA LEU A 259 14.06 18.41 0.75
C LEU A 259 14.37 19.48 1.80
N LEU A 260 15.60 19.49 2.34
CA LEU A 260 15.97 20.47 3.34
C LEU A 260 15.98 21.88 2.78
N GLN A 261 16.21 22.03 1.47
CA GLN A 261 16.19 23.34 0.82
C GLN A 261 14.77 23.82 0.51
N GLY A 262 13.74 23.09 0.94
CA GLY A 262 12.37 23.46 0.65
C GLY A 262 11.87 23.02 -0.71
N ARG A 263 12.71 22.40 -1.53
CA ARG A 263 12.27 21.93 -2.84
C ARG A 263 11.33 20.74 -2.69
N ARG A 264 10.32 20.69 -3.55
CA ARG A 264 9.30 19.64 -3.50
C ARG A 264 8.97 19.19 -4.91
N LEU A 265 8.18 18.12 -5.00
CA LEU A 265 7.66 17.67 -6.28
C LEU A 265 6.82 18.78 -6.91
N LEU A 266 7.03 19.01 -8.20
CA LEU A 266 6.34 20.09 -8.90
C LEU A 266 4.92 19.68 -9.25
N GLN A 267 4.10 20.70 -9.52
CA GLN A 267 2.68 20.47 -9.79
C GLN A 267 2.51 19.79 -11.15
N PRO A 268 1.84 18.64 -11.20
CA PRO A 268 1.58 18.00 -12.50
C PRO A 268 0.71 18.89 -13.38
N GLU A 269 0.85 18.70 -14.69
CA GLU A 269 0.15 19.56 -15.65
C GLU A 269 -1.36 19.49 -15.47
N TYR A 270 -1.90 18.31 -15.20
CA TYR A 270 -3.33 18.11 -15.10
C TYR A 270 -3.79 17.88 -13.65
N CYS A 271 -3.06 18.45 -12.70
CA CYS A 271 -3.47 18.42 -11.31
C CYS A 271 -4.13 19.75 -10.95
N PRO A 272 -5.38 19.75 -10.49
CA PRO A 272 -6.01 21.02 -10.10
C PRO A 272 -5.23 21.71 -8.99
N ASP A 273 -5.21 23.04 -9.04
CA ASP A 273 -4.51 23.83 -8.03
C ASP A 273 -4.90 23.49 -6.59
N PRO A 274 -6.18 23.32 -6.23
CA PRO A 274 -6.48 22.95 -4.83
C PRO A 274 -5.91 21.61 -4.43
N LEU A 275 -5.79 20.66 -5.37
CA LEU A 275 -5.21 19.37 -5.04
C LEU A 275 -3.70 19.48 -4.80
N TYR A 276 -3.03 20.33 -5.57
CA TYR A 276 -1.59 20.52 -5.36
C TYR A 276 -1.33 21.17 -4.01
N GLU A 277 -2.20 22.09 -3.59
CA GLU A 277 -2.05 22.69 -2.26
C GLU A 277 -2.20 21.64 -1.17
N VAL A 278 -3.04 20.64 -1.39
CA VAL A 278 -3.15 19.52 -0.46
C VAL A 278 -1.83 18.76 -0.41
N MET A 279 -1.21 18.54 -1.56
CA MET A 279 0.09 17.86 -1.61
C MET A 279 1.13 18.63 -0.83
N LEU A 280 1.22 19.95 -1.05
CA LEU A 280 2.22 20.75 -0.36
C LEU A 280 2.02 20.74 1.14
N LYS A 281 0.77 20.63 1.60
CA LYS A 281 0.50 20.52 3.03
C LYS A 281 1.05 19.21 3.60
N CYS A 282 1.02 18.13 2.80
CA CYS A 282 1.52 16.85 3.27
C CYS A 282 3.03 16.83 3.42
N TRP A 283 3.73 17.74 2.76
CA TRP A 283 5.19 17.75 2.74
C TRP A 283 5.78 18.86 3.61
N HIS A 284 5.04 19.32 4.61
CA HIS A 284 5.56 20.35 5.50
C HIS A 284 6.70 19.79 6.34
N PRO A 285 7.76 20.58 6.56
CA PRO A 285 8.90 20.06 7.33
C PRO A 285 8.55 19.61 8.75
N LYS A 286 7.58 20.25 9.38
CA LYS A 286 7.16 19.90 10.74
C LYS A 286 6.07 18.84 10.65
N ALA A 287 6.37 17.64 11.16
CA ALA A 287 5.41 16.54 11.09
C ALA A 287 4.10 16.91 11.77
N GLU A 288 4.16 17.68 12.85
CA GLU A 288 2.95 18.11 13.53
C GLU A 288 2.08 18.98 12.62
N MET A 289 2.71 19.83 11.82
CA MET A 289 1.97 20.80 11.02
C MET A 289 1.19 20.16 9.87
N ARG A 290 1.48 18.91 9.53
CA ARG A 290 0.80 18.28 8.41
C ARG A 290 -0.65 17.96 8.78
N PRO A 291 -1.54 17.90 7.78
CA PRO A 291 -2.94 17.57 8.07
C PRO A 291 -3.11 16.12 8.46
N SER A 292 -4.14 15.86 9.25
CA SER A 292 -4.52 14.49 9.54
C SER A 292 -5.21 13.86 8.34
N PHE A 293 -5.30 12.53 8.36
CA PHE A 293 -5.98 11.84 7.28
C PHE A 293 -7.47 12.18 7.25
N SER A 294 -8.06 12.47 8.42
CA SER A 294 -9.45 12.91 8.44
C SER A 294 -9.61 14.27 7.79
N GLU A 295 -8.67 15.19 8.02
CA GLU A 295 -8.70 16.46 7.31
C GLU A 295 -8.47 16.26 5.82
N LEU A 296 -7.66 15.27 5.44
CA LEU A 296 -7.44 15.00 4.03
C LEU A 296 -8.70 14.51 3.35
N VAL A 297 -9.44 13.60 4.00
CA VAL A 297 -10.69 13.11 3.43
C VAL A 297 -11.66 14.25 3.16
N SER A 298 -11.71 15.22 4.07
CA SER A 298 -12.61 16.36 3.89
C SER A 298 -12.18 17.23 2.71
N ARG A 299 -10.89 17.54 2.62
CA ARG A 299 -10.43 18.43 1.56
C ARG A 299 -10.53 17.77 0.19
N ILE A 300 -10.23 16.47 0.11
CA ILE A 300 -10.25 15.79 -1.19
C ILE A 300 -11.69 15.59 -1.66
N SER A 301 -12.57 15.12 -0.77
CA SER A 301 -13.96 14.90 -1.15
C SER A 301 -14.63 16.21 -1.55
N ALA A 302 -14.25 17.31 -0.91
CA ALA A 302 -14.73 18.62 -1.34
C ALA A 302 -14.22 18.95 -2.74
N ILE A 303 -12.95 18.68 -3.00
CA ILE A 303 -12.40 18.86 -4.34
C ILE A 303 -13.04 17.88 -5.31
N PHE A 304 -13.36 16.67 -4.82
CA PHE A 304 -13.96 15.66 -5.70
C PHE A 304 -15.36 16.05 -6.16
N SER A 305 -16.12 16.73 -5.32
CA SER A 305 -17.50 17.06 -5.63
C SER A 305 -17.67 18.37 -6.39
N THR A 306 -16.63 19.19 -6.49
CA THR A 306 -16.75 20.48 -7.16
C THR A 306 -16.29 20.37 -8.61
N PHE A 307 -16.52 21.45 -9.36
CA PHE A 307 -16.00 21.55 -10.71
C PHE A 307 -14.48 21.51 -10.69
N ILE A 308 -13.90 20.75 -11.63
CA ILE A 308 -12.46 20.55 -11.65
C ILE A 308 -11.79 21.53 -12.63
#